data_2QDX
#
_entry.id   2QDX
#
_cell.length_a   68.660
_cell.length_b   74.940
_cell.length_c   52.800
_cell.angle_alpha   90.00
_cell.angle_beta   90.00
_cell.angle_gamma   90.00
#
_symmetry.space_group_name_H-M   'P 21 21 2'
#
loop_
_entity.id
_entity.type
_entity.pdbx_description
1 polymer 'Ferredoxin reductase'
2 non-polymer 'SULFATE ION'
3 non-polymer 'FLAVIN-ADENINE DINUCLEOTIDE'
4 water water
#
_entity_poly.entity_id   1
_entity_poly.type   'polypeptide(L)'
_entity_poly.pdbx_seq_one_letter_code
;SNLYTERVLSVHHWNDTLFSFKTTRNPGLRFKTGQFVMIGLEVDGRPLMRAYSIASPNYEEHLEFFSIKVPDGPLTSRLQ
HLKEGDELMVSRKPTGTLVHDDLLPGKHLYLLSTGTGMAPFLSVIQDPETYERYEKVILVHGVRWVSELAYADFITKVLP
EHEYFGDQVKEKLIYYPLVTREPFRNQGRQTDLMRSGKLFEDIGLPPMNPQDDRAMICGSPSMLEETSAVLDSFGLKISP
RMGEPGDYLIERAFVEK
;
_entity_poly.pdbx_strand_id   A
#
loop_
_chem_comp.id
_chem_comp.type
_chem_comp.name
_chem_comp.formula
FAD non-polymer 'FLAVIN-ADENINE DINUCLEOTIDE' 'C27 H33 N9 O15 P2'
SO4 non-polymer 'SULFATE ION' 'O4 S -2'
#
# COMPACT_ATOMS: atom_id res chain seq x y z
N SER A 1 -19.00 -21.91 3.29
CA SER A 1 -19.68 -20.66 3.75
C SER A 1 -19.39 -19.52 2.79
N ASN A 2 -19.90 -18.32 3.11
CA ASN A 2 -19.67 -17.16 2.26
C ASN A 2 -18.22 -16.76 2.15
N LEU A 3 -17.33 -17.60 2.67
CA LEU A 3 -15.92 -17.28 2.59
C LEU A 3 -15.26 -18.20 1.57
N TYR A 4 -14.32 -17.64 0.83
CA TYR A 4 -13.56 -18.41 -0.13
C TYR A 4 -12.46 -19.08 0.66
N THR A 5 -12.03 -20.25 0.23
CA THR A 5 -10.90 -20.90 0.88
C THR A 5 -9.86 -20.99 -0.23
N GLU A 6 -8.81 -20.17 -0.13
CA GLU A 6 -7.76 -20.15 -1.14
C GLU A 6 -6.58 -20.96 -0.66
N ARG A 7 -5.61 -21.16 -1.55
CA ARG A 7 -4.44 -21.97 -1.27
C ARG A 7 -3.15 -21.14 -1.45
N VAL A 8 -2.22 -21.26 -0.52
CA VAL A 8 -0.97 -20.52 -0.57
C VAL A 8 -0.06 -21.07 -1.66
N LEU A 9 0.44 -20.18 -2.49
CA LEU A 9 1.30 -20.53 -3.60
C LEU A 9 2.78 -20.31 -3.32
N SER A 10 3.07 -19.28 -2.52
CA SER A 10 4.46 -18.93 -2.21
C SER A 10 4.51 -17.99 -1.01
N VAL A 11 5.64 -18.00 -0.30
CA VAL A 11 5.82 -17.18 0.89
C VAL A 11 7.23 -16.61 0.90
N HIS A 12 7.38 -15.37 1.34
CA HIS A 12 8.70 -14.76 1.43
C HIS A 12 8.79 -13.88 2.67
N HIS A 13 9.78 -14.15 3.53
CA HIS A 13 9.96 -13.32 4.73
C HIS A 13 10.95 -12.23 4.45
N TRP A 14 10.58 -10.99 4.79
CA TRP A 14 11.46 -9.85 4.58
C TRP A 14 12.40 -9.66 5.75
N ASN A 15 11.86 -9.79 6.96
CA ASN A 15 12.66 -9.64 8.18
C ASN A 15 11.87 -10.20 9.36
N ASP A 16 12.29 -9.89 10.58
CA ASP A 16 11.62 -10.43 11.77
C ASP A 16 10.17 -10.01 12.01
N THR A 17 9.72 -8.93 11.36
CA THR A 17 8.35 -8.47 11.56
C THR A 17 7.53 -8.35 10.27
N LEU A 18 8.11 -8.72 9.14
CA LEU A 18 7.41 -8.59 7.86
C LEU A 18 7.56 -9.77 6.91
N PHE A 19 6.46 -10.15 6.27
CA PHE A 19 6.52 -11.23 5.27
C PHE A 19 5.38 -11.04 4.28
N SER A 20 5.49 -11.68 3.13
CA SER A 20 4.46 -11.61 2.10
C SER A 20 4.14 -13.01 1.62
N PHE A 21 2.97 -13.18 1.02
CA PHE A 21 2.61 -14.47 0.47
C PHE A 21 1.61 -14.29 -0.65
N LYS A 22 1.58 -15.27 -1.55
CA LYS A 22 0.64 -15.25 -2.66
C LYS A 22 -0.29 -16.45 -2.53
N THR A 23 -1.54 -16.28 -2.95
CA THR A 23 -2.53 -17.35 -2.90
C THR A 23 -3.29 -17.38 -4.21
N THR A 24 -4.07 -18.44 -4.37
CA THR A 24 -4.94 -18.57 -5.52
C THR A 24 -6.03 -17.47 -5.33
N ARG A 25 -6.76 -17.19 -6.40
CA ARG A 25 -7.82 -16.18 -6.39
C ARG A 25 -9.03 -16.74 -7.12
N ASN A 26 -10.17 -16.74 -6.44
CA ASN A 26 -11.42 -17.22 -7.05
C ASN A 26 -11.84 -16.16 -8.07
N PRO A 27 -12.29 -16.60 -9.26
CA PRO A 27 -12.70 -15.60 -10.24
C PRO A 27 -13.85 -14.68 -9.80
N GLY A 28 -14.59 -15.10 -8.78
CA GLY A 28 -15.66 -14.27 -8.29
C GLY A 28 -15.20 -13.11 -7.41
N LEU A 29 -13.93 -13.11 -7.01
CA LEU A 29 -13.42 -12.04 -6.16
C LEU A 29 -12.94 -10.92 -7.08
N ARG A 30 -13.76 -9.91 -7.22
CA ARG A 30 -13.44 -8.76 -8.05
C ARG A 30 -13.07 -7.62 -7.14
N PHE A 31 -12.10 -6.79 -7.53
CA PHE A 31 -11.77 -5.65 -6.68
C PHE A 31 -11.20 -4.48 -7.46
N LYS A 32 -11.37 -3.29 -6.89
CA LYS A 32 -10.83 -2.08 -7.47
C LYS A 32 -9.46 -1.89 -6.79
N THR A 33 -8.46 -1.49 -7.58
CA THR A 33 -7.13 -1.23 -7.07
C THR A 33 -7.19 -0.41 -5.80
N GLY A 34 -6.52 -0.88 -4.75
CA GLY A 34 -6.47 -0.15 -3.50
C GLY A 34 -7.35 -0.70 -2.39
N GLN A 35 -8.32 -1.53 -2.75
CA GLN A 35 -9.22 -2.09 -1.77
C GLN A 35 -8.63 -3.18 -0.90
N PHE A 36 -9.31 -3.45 0.21
CA PHE A 36 -8.92 -4.48 1.15
C PHE A 36 -10.03 -5.51 1.28
N VAL A 37 -9.68 -6.65 1.83
CA VAL A 37 -10.62 -7.74 2.01
C VAL A 37 -10.31 -8.39 3.36
N MET A 38 -11.27 -9.11 3.92
CA MET A 38 -11.00 -9.80 5.18
C MET A 38 -10.35 -11.15 4.85
N ILE A 39 -9.27 -11.49 5.55
CA ILE A 39 -8.63 -12.79 5.36
C ILE A 39 -8.37 -13.41 6.73
N GLY A 40 -8.19 -14.72 6.79
CA GLY A 40 -7.92 -15.32 8.08
C GLY A 40 -7.79 -16.83 8.10
N LEU A 41 -7.81 -17.37 9.32
CA LEU A 41 -7.62 -18.79 9.55
C LEU A 41 -8.63 -19.31 10.54
N GLU A 42 -8.94 -20.61 10.43
CA GLU A 42 -9.90 -21.21 11.35
C GLU A 42 -9.19 -21.53 12.65
N VAL A 43 -9.66 -20.93 13.74
CA VAL A 43 -9.08 -21.13 15.05
C VAL A 43 -10.14 -21.44 16.11
N ASP A 44 -9.97 -22.57 16.79
CA ASP A 44 -10.90 -22.96 17.84
C ASP A 44 -12.37 -22.88 17.39
N GLY A 45 -12.67 -23.37 16.19
CA GLY A 45 -14.05 -23.38 15.74
C GLY A 45 -14.63 -22.15 15.06
N ARG A 46 -13.82 -21.10 14.92
CA ARG A 46 -14.29 -19.88 14.25
C ARG A 46 -13.22 -19.23 13.40
N PRO A 47 -13.60 -18.64 12.27
CA PRO A 47 -12.58 -17.98 11.45
C PRO A 47 -12.07 -16.80 12.28
N LEU A 48 -10.77 -16.55 12.21
CA LEU A 48 -10.12 -15.44 12.92
C LEU A 48 -9.72 -14.55 11.75
N MET A 49 -10.54 -13.52 11.51
CA MET A 49 -10.40 -12.66 10.35
C MET A 49 -9.90 -11.25 10.60
N ARG A 50 -9.10 -10.74 9.66
CA ARG A 50 -8.57 -9.39 9.79
C ARG A 50 -8.55 -8.71 8.41
N ALA A 51 -8.73 -7.39 8.41
CA ALA A 51 -8.69 -6.64 7.17
C ALA A 51 -7.26 -6.61 6.61
N TYR A 52 -7.12 -6.89 5.32
CA TYR A 52 -5.83 -6.86 4.64
C TYR A 52 -5.96 -6.21 3.27
N SER A 53 -5.07 -5.27 2.96
CA SER A 53 -5.09 -4.66 1.64
C SER A 53 -4.64 -5.70 0.62
N ILE A 54 -5.19 -5.67 -0.59
CA ILE A 54 -4.75 -6.62 -1.62
C ILE A 54 -3.56 -5.97 -2.33
N ALA A 55 -2.39 -6.62 -2.24
CA ALA A 55 -1.17 -6.07 -2.80
C ALA A 55 -0.85 -6.47 -4.24
N SER A 56 -1.64 -7.39 -4.79
CA SER A 56 -1.47 -7.85 -6.16
C SER A 56 -2.33 -7.01 -7.13
N PRO A 57 -1.98 -7.03 -8.43
CA PRO A 57 -2.68 -6.30 -9.50
C PRO A 57 -4.06 -6.92 -9.68
N ASN A 58 -5.10 -6.09 -9.88
CA ASN A 58 -6.44 -6.64 -9.98
C ASN A 58 -6.78 -7.41 -11.25
N TYR A 59 -5.85 -7.42 -12.20
CA TYR A 59 -6.05 -8.16 -13.45
C TYR A 59 -5.31 -9.51 -13.46
N GLU A 60 -4.62 -9.83 -12.35
CA GLU A 60 -3.91 -11.11 -12.28
C GLU A 60 -4.69 -12.11 -11.42
N GLU A 61 -4.70 -13.37 -11.86
CA GLU A 61 -5.46 -14.39 -11.16
C GLU A 61 -4.78 -15.05 -9.98
N HIS A 62 -4.38 -14.23 -9.02
CA HIS A 62 -3.81 -14.68 -7.76
C HIS A 62 -3.94 -13.50 -6.82
N LEU A 63 -3.70 -13.73 -5.53
CA LEU A 63 -3.74 -12.64 -4.55
C LEU A 63 -2.37 -12.57 -3.91
N GLU A 64 -1.99 -11.37 -3.46
CA GLU A 64 -0.75 -11.24 -2.70
C GLU A 64 -1.05 -10.34 -1.52
N PHE A 65 -0.45 -10.68 -0.39
CA PHE A 65 -0.61 -9.91 0.84
C PHE A 65 0.77 -9.59 1.42
N PHE A 66 0.90 -8.41 2.01
CA PHE A 66 2.15 -7.94 2.63
C PHE A 66 1.71 -7.78 4.09
N SER A 67 2.33 -8.57 4.97
CA SER A 67 1.90 -8.65 6.35
C SER A 67 2.89 -8.41 7.46
N ILE A 68 2.37 -7.83 8.54
CA ILE A 68 3.13 -7.62 9.77
C ILE A 68 3.15 -9.01 10.48
N LYS A 69 4.09 -9.15 11.42
CA LYS A 69 4.18 -10.36 12.26
C LYS A 69 4.20 -9.80 13.69
N VAL A 70 3.06 -9.88 14.36
CA VAL A 70 2.95 -9.38 15.75
C VAL A 70 3.13 -10.61 16.64
N PRO A 71 4.17 -10.60 17.51
CA PRO A 71 4.50 -11.68 18.44
C PRO A 71 3.33 -12.51 18.98
N ASP A 72 2.43 -11.85 19.68
CA ASP A 72 1.28 -12.52 20.24
C ASP A 72 -0.01 -12.06 19.56
N GLY A 73 0.10 -11.61 18.31
CA GLY A 73 -1.08 -11.17 17.57
C GLY A 73 -1.95 -12.40 17.29
N PRO A 74 -3.25 -12.34 17.61
CA PRO A 74 -4.10 -13.51 17.36
C PRO A 74 -3.96 -14.11 15.97
N LEU A 75 -4.07 -13.29 14.92
CA LEU A 75 -3.95 -13.84 13.59
C LEU A 75 -2.52 -14.02 13.12
N THR A 76 -1.68 -13.00 13.26
CA THR A 76 -0.33 -13.13 12.72
C THR A 76 0.65 -14.02 13.47
N SER A 77 0.35 -14.36 14.72
CA SER A 77 1.22 -15.28 15.44
C SER A 77 1.12 -16.63 14.71
N ARG A 78 -0.02 -16.86 14.06
CA ARG A 78 -0.27 -18.08 13.28
C ARG A 78 0.07 -17.89 11.80
N LEU A 79 -0.38 -16.77 11.23
CA LEU A 79 -0.17 -16.47 9.82
C LEU A 79 1.30 -16.47 9.43
N GLN A 80 2.17 -16.07 10.35
CA GLN A 80 3.60 -16.04 10.05
C GLN A 80 4.16 -17.42 9.68
N HIS A 81 3.42 -18.48 10.02
CA HIS A 81 3.86 -19.85 9.74
C HIS A 81 3.31 -20.44 8.44
N LEU A 82 2.62 -19.62 7.64
CA LEU A 82 2.06 -20.11 6.36
C LEU A 82 3.13 -20.78 5.48
N LYS A 83 2.72 -21.88 4.87
CA LYS A 83 3.57 -22.63 3.95
C LYS A 83 2.81 -22.92 2.69
N GLU A 84 3.53 -23.27 1.63
CA GLU A 84 2.89 -23.58 0.36
C GLU A 84 1.85 -24.69 0.57
N GLY A 85 0.66 -24.45 0.04
CA GLY A 85 -0.39 -25.43 0.16
C GLY A 85 -1.39 -25.17 1.27
N ASP A 86 -1.03 -24.32 2.23
CA ASP A 86 -1.93 -24.02 3.34
C ASP A 86 -3.19 -23.29 2.88
N GLU A 87 -4.26 -23.47 3.65
CA GLU A 87 -5.53 -22.79 3.36
C GLU A 87 -5.62 -21.43 4.02
N LEU A 88 -6.23 -20.50 3.30
CA LEU A 88 -6.48 -19.14 3.81
C LEU A 88 -7.91 -18.79 3.48
N MET A 89 -8.66 -18.29 4.46
CA MET A 89 -10.03 -17.88 4.16
C MET A 89 -10.02 -16.42 3.72
N VAL A 90 -10.82 -16.11 2.70
CA VAL A 90 -10.88 -14.75 2.17
C VAL A 90 -12.35 -14.39 1.96
N SER A 91 -12.74 -13.19 2.39
CA SER A 91 -14.13 -12.77 2.24
C SER A 91 -14.49 -12.42 0.80
N ARG A 92 -15.78 -12.33 0.51
CA ARG A 92 -16.24 -12.12 -0.86
C ARG A 92 -16.30 -10.74 -1.49
N LYS A 93 -16.46 -9.70 -0.66
CA LYS A 93 -16.59 -8.35 -1.19
C LYS A 93 -15.59 -7.35 -0.65
N PRO A 94 -14.59 -7.01 -1.45
CA PRO A 94 -13.60 -6.03 -1.00
C PRO A 94 -14.21 -4.64 -0.88
N THR A 95 -13.58 -3.77 -0.11
CA THR A 95 -14.09 -2.42 -0.01
C THR A 95 -12.89 -1.54 0.35
N GLY A 96 -13.14 -0.26 0.60
CA GLY A 96 -12.07 0.64 0.97
C GLY A 96 -12.11 2.00 0.31
N THR A 97 -11.35 2.94 0.87
CA THR A 97 -11.30 4.31 0.39
C THR A 97 -10.19 4.67 -0.60
N LEU A 98 -9.18 3.82 -0.72
CA LEU A 98 -8.04 4.13 -1.57
C LEU A 98 -8.24 3.74 -3.03
N VAL A 99 -9.27 4.30 -3.66
CA VAL A 99 -9.57 3.96 -5.05
C VAL A 99 -9.42 5.15 -6.01
N HIS A 100 -9.01 4.85 -7.23
CA HIS A 100 -8.75 5.89 -8.22
C HIS A 100 -9.92 6.84 -8.46
N ASP A 101 -11.12 6.29 -8.46
CA ASP A 101 -12.32 7.08 -8.72
C ASP A 101 -12.60 8.20 -7.74
N ASP A 102 -12.03 8.14 -6.54
CA ASP A 102 -12.29 9.20 -5.57
C ASP A 102 -11.26 10.31 -5.52
N LEU A 103 -10.41 10.35 -6.54
CA LEU A 103 -9.42 11.43 -6.67
C LEU A 103 -9.80 12.27 -7.89
N LEU A 104 -9.86 13.58 -7.71
CA LEU A 104 -10.14 14.49 -8.81
C LEU A 104 -8.94 14.41 -9.78
N PRO A 105 -9.16 14.71 -11.07
CA PRO A 105 -8.07 14.67 -12.05
C PRO A 105 -6.90 15.52 -11.58
N GLY A 106 -5.68 15.06 -11.83
CA GLY A 106 -4.50 15.81 -11.42
C GLY A 106 -3.27 15.37 -12.19
N LYS A 107 -2.11 15.90 -11.83
CA LYS A 107 -0.86 15.57 -12.51
C LYS A 107 0.06 14.61 -11.78
N HIS A 108 0.06 14.67 -10.46
CA HIS A 108 0.96 13.84 -9.69
C HIS A 108 0.19 13.06 -8.65
N LEU A 109 0.58 11.81 -8.44
CA LEU A 109 -0.06 10.98 -7.42
C LEU A 109 0.98 10.59 -6.38
N TYR A 110 0.83 11.12 -5.16
CA TYR A 110 1.72 10.80 -4.06
C TYR A 110 1.11 9.64 -3.27
N LEU A 111 1.89 8.58 -3.08
CA LEU A 111 1.44 7.40 -2.33
C LEU A 111 2.28 7.48 -1.06
N LEU A 112 1.66 8.00 -0.01
CA LEU A 112 2.33 8.24 1.26
C LEU A 112 2.05 7.12 2.24
N SER A 113 3.07 6.29 2.49
CA SER A 113 2.90 5.13 3.35
C SER A 113 3.99 4.94 4.38
N THR A 114 3.63 4.21 5.44
CA THR A 114 4.60 3.82 6.47
C THR A 114 4.35 2.32 6.71
N GLY A 115 5.42 1.57 6.92
CA GLY A 115 5.28 0.15 7.20
C GLY A 115 4.47 -0.66 6.19
N THR A 116 3.56 -1.49 6.70
CA THR A 116 2.74 -2.31 5.80
C THR A 116 1.71 -1.49 5.04
N GLY A 117 1.62 -0.20 5.37
CA GLY A 117 0.70 0.69 4.65
C GLY A 117 1.06 0.79 3.16
N MET A 118 2.24 0.33 2.79
CA MET A 118 2.61 0.33 1.38
C MET A 118 1.81 -0.74 0.62
N ALA A 119 1.24 -1.71 1.34
CA ALA A 119 0.52 -2.79 0.66
C ALA A 119 -0.47 -2.42 -0.46
N PRO A 120 -1.44 -1.54 -0.19
CA PRO A 120 -2.38 -1.20 -1.28
C PRO A 120 -1.68 -0.52 -2.43
N PHE A 121 -0.61 0.20 -2.11
CA PHE A 121 0.13 0.92 -3.13
C PHE A 121 0.95 0.01 -4.05
N LEU A 122 1.22 -1.21 -3.61
CA LEU A 122 1.91 -2.16 -4.48
C LEU A 122 0.93 -2.50 -5.60
N SER A 123 -0.36 -2.52 -5.30
CA SER A 123 -1.35 -2.80 -6.35
C SER A 123 -1.40 -1.55 -7.25
N VAL A 124 -1.45 -0.37 -6.65
CA VAL A 124 -1.50 0.87 -7.42
C VAL A 124 -0.37 1.01 -8.44
N ILE A 125 0.86 0.69 -8.04
CA ILE A 125 1.99 0.86 -8.96
C ILE A 125 2.05 -0.18 -10.07
N GLN A 126 1.21 -1.21 -9.96
CA GLN A 126 1.14 -2.25 -10.99
C GLN A 126 -0.15 -2.13 -11.78
N ASP A 127 -0.84 -1.01 -11.63
CA ASP A 127 -2.11 -0.78 -12.31
C ASP A 127 -1.96 0.16 -13.49
N PRO A 128 -2.16 -0.33 -14.73
CA PRO A 128 -2.03 0.56 -15.89
C PRO A 128 -2.83 1.86 -15.73
N GLU A 129 -3.99 1.78 -15.07
CA GLU A 129 -4.82 2.98 -14.92
C GLU A 129 -4.08 4.08 -14.18
N THR A 130 -3.22 3.70 -13.25
CA THR A 130 -2.43 4.68 -12.51
C THR A 130 -1.62 5.54 -13.48
N TYR A 131 -0.93 4.90 -14.42
CA TYR A 131 -0.09 5.62 -15.37
C TYR A 131 -0.90 6.36 -16.43
N GLU A 132 -2.12 5.90 -16.67
CA GLU A 132 -2.99 6.60 -17.61
C GLU A 132 -3.40 7.95 -17.02
N ARG A 133 -3.60 7.99 -15.72
CA ARG A 133 -4.08 9.19 -15.04
C ARG A 133 -3.10 10.23 -14.52
N TYR A 134 -1.82 9.88 -14.47
CA TYR A 134 -0.82 10.78 -13.91
C TYR A 134 0.47 10.91 -14.67
N GLU A 135 1.10 12.07 -14.52
CA GLU A 135 2.39 12.35 -15.15
C GLU A 135 3.51 11.77 -14.29
N LYS A 136 3.31 11.77 -12.97
CA LYS A 136 4.31 11.23 -12.04
C LYS A 136 3.58 10.52 -10.91
N VAL A 137 4.16 9.42 -10.44
CA VAL A 137 3.61 8.64 -9.33
C VAL A 137 4.76 8.54 -8.35
N ILE A 138 4.54 8.99 -7.12
CA ILE A 138 5.62 9.00 -6.13
C ILE A 138 5.29 8.08 -4.97
N LEU A 139 6.03 6.98 -4.88
CA LEU A 139 5.81 6.04 -3.79
C LEU A 139 6.78 6.34 -2.66
N VAL A 140 6.24 6.83 -1.56
CA VAL A 140 7.04 7.15 -0.37
C VAL A 140 6.79 6.02 0.62
N HIS A 141 7.87 5.37 1.04
CA HIS A 141 7.75 4.28 2.01
C HIS A 141 8.61 4.60 3.21
N GLY A 142 7.95 5.04 4.28
CA GLY A 142 8.66 5.41 5.50
C GLY A 142 8.72 4.28 6.50
N VAL A 143 9.93 3.96 6.94
CA VAL A 143 10.12 2.89 7.91
C VAL A 143 11.16 3.32 8.94
N ARG A 144 11.39 2.45 9.92
CA ARG A 144 12.35 2.72 10.99
C ARG A 144 13.73 2.10 10.71
N TRP A 145 13.73 0.91 10.15
CA TRP A 145 14.97 0.17 9.86
C TRP A 145 15.08 -0.21 8.40
N VAL A 146 16.29 -0.22 7.88
CA VAL A 146 16.50 -0.55 6.47
C VAL A 146 15.88 -1.89 6.07
N SER A 147 15.92 -2.88 6.97
CA SER A 147 15.35 -4.20 6.65
C SER A 147 13.85 -4.17 6.42
N GLU A 148 13.18 -3.09 6.83
CA GLU A 148 11.73 -2.98 6.66
C GLU A 148 11.36 -2.48 5.26
N LEU A 149 12.35 -2.16 4.43
CA LEU A 149 12.10 -1.69 3.07
C LEU A 149 11.82 -2.86 2.14
N ALA A 150 10.71 -3.54 2.42
CA ALA A 150 10.25 -4.68 1.63
C ALA A 150 10.01 -4.27 0.19
N TYR A 151 10.15 -5.23 -0.72
CA TYR A 151 9.94 -5.04 -2.15
C TYR A 151 10.90 -4.08 -2.85
N ALA A 152 12.01 -3.74 -2.21
CA ALA A 152 12.95 -2.83 -2.81
C ALA A 152 13.41 -3.27 -4.20
N ASP A 153 13.84 -4.52 -4.32
CA ASP A 153 14.28 -5.03 -5.61
C ASP A 153 13.15 -5.08 -6.63
N PHE A 154 11.96 -5.47 -6.20
CA PHE A 154 10.85 -5.54 -7.11
C PHE A 154 10.56 -4.16 -7.69
N ILE A 155 10.51 -3.16 -6.81
CA ILE A 155 10.17 -1.80 -7.22
C ILE A 155 11.22 -1.14 -8.09
N THR A 156 12.48 -1.32 -7.74
CA THR A 156 13.57 -0.66 -8.47
C THR A 156 14.16 -1.41 -9.64
N LYS A 157 14.05 -2.75 -9.63
CA LYS A 157 14.65 -3.54 -10.70
C LYS A 157 13.70 -4.37 -11.57
N VAL A 158 12.70 -4.97 -10.95
CA VAL A 158 11.78 -5.82 -11.70
C VAL A 158 10.67 -5.05 -12.41
N LEU A 159 9.89 -4.28 -11.66
CA LEU A 159 8.78 -3.51 -12.22
C LEU A 159 9.15 -2.62 -13.41
N PRO A 160 10.32 -1.96 -13.37
CA PRO A 160 10.70 -1.10 -14.52
C PRO A 160 10.88 -1.89 -15.82
N GLU A 161 11.09 -3.20 -15.71
CA GLU A 161 11.28 -4.02 -16.90
C GLU A 161 9.98 -4.72 -17.32
N HIS A 162 8.87 -4.33 -16.72
CA HIS A 162 7.60 -4.97 -17.04
C HIS A 162 7.38 -4.96 -18.55
N GLU A 163 7.04 -6.12 -19.09
CA GLU A 163 6.82 -6.28 -20.52
C GLU A 163 5.81 -5.34 -21.17
N TYR A 164 4.78 -4.95 -20.41
CA TYR A 164 3.75 -4.08 -20.98
C TYR A 164 3.75 -2.61 -20.54
N PHE A 165 4.11 -2.32 -19.30
CA PHE A 165 4.13 -0.91 -18.87
C PHE A 165 5.41 -0.51 -18.17
N GLY A 166 6.48 -1.28 -18.39
CA GLY A 166 7.77 -0.96 -17.79
C GLY A 166 8.26 0.42 -18.20
N ASP A 167 8.01 0.80 -19.45
CA ASP A 167 8.47 2.10 -19.88
C ASP A 167 7.70 3.21 -19.16
N GLN A 168 6.44 2.97 -18.84
CA GLN A 168 5.65 3.96 -18.10
C GLN A 168 6.23 4.05 -16.69
N VAL A 169 6.62 2.92 -16.13
CA VAL A 169 7.23 2.90 -14.79
C VAL A 169 8.54 3.69 -14.83
N LYS A 170 9.40 3.41 -15.80
CA LYS A 170 10.66 4.15 -15.88
C LYS A 170 10.47 5.66 -15.97
N GLU A 171 9.50 6.08 -16.77
CA GLU A 171 9.24 7.49 -16.99
C GLU A 171 8.51 8.19 -15.86
N LYS A 172 7.63 7.46 -15.18
CA LYS A 172 6.78 8.08 -14.17
C LYS A 172 6.91 7.73 -12.71
N LEU A 173 7.37 6.52 -12.41
CA LEU A 173 7.46 6.10 -11.01
C LEU A 173 8.71 6.56 -10.27
N ILE A 174 8.49 7.27 -9.16
CA ILE A 174 9.58 7.73 -8.31
C ILE A 174 9.44 6.95 -7.01
N TYR A 175 10.51 6.33 -6.56
CA TYR A 175 10.48 5.56 -5.30
C TYR A 175 11.32 6.33 -4.31
N TYR A 176 10.72 6.68 -3.19
CA TYR A 176 11.40 7.44 -2.15
C TYR A 176 11.31 6.75 -0.80
N PRO A 177 12.20 5.78 -0.57
CA PRO A 177 12.20 5.06 0.70
C PRO A 177 12.80 6.00 1.75
N LEU A 178 12.31 5.90 2.99
CA LEU A 178 12.81 6.72 4.10
C LEU A 178 13.06 5.83 5.30
N VAL A 179 14.14 6.10 6.03
CA VAL A 179 14.49 5.32 7.22
C VAL A 179 14.85 6.26 8.34
N THR A 180 14.35 6.02 9.55
CA THR A 180 14.65 6.94 10.65
C THR A 180 15.75 6.55 11.63
N ARG A 181 15.94 5.26 11.88
CA ARG A 181 16.88 4.83 12.92
C ARG A 181 18.26 4.30 12.58
N GLU A 182 18.55 4.16 11.28
CA GLU A 182 19.84 3.66 10.80
C GLU A 182 20.30 4.51 9.63
N PRO A 183 21.61 4.49 9.30
CA PRO A 183 22.09 5.28 8.17
C PRO A 183 21.39 4.85 6.88
N PHE A 184 20.90 5.83 6.13
CA PHE A 184 20.20 5.54 4.89
C PHE A 184 20.26 6.76 3.99
N ARG A 185 20.23 6.52 2.69
CA ARG A 185 20.33 7.61 1.74
C ARG A 185 19.29 8.71 1.93
N ASN A 186 18.10 8.33 2.37
CA ASN A 186 17.03 9.30 2.64
C ASN A 186 16.65 9.09 4.10
N GLN A 187 17.03 10.03 4.95
CA GLN A 187 16.76 9.91 6.39
C GLN A 187 15.57 10.74 6.80
N GLY A 188 14.85 10.27 7.81
CA GLY A 188 13.75 11.07 8.32
C GLY A 188 12.32 10.60 8.16
N ARG A 189 11.40 11.46 8.59
CA ARG A 189 9.97 11.20 8.51
C ARG A 189 9.41 11.99 7.34
N GLN A 190 8.55 11.36 6.54
CA GLN A 190 8.01 12.04 5.37
C GLN A 190 7.25 13.33 5.67
N THR A 191 6.56 13.38 6.80
CA THR A 191 5.80 14.58 7.15
C THR A 191 6.75 15.75 7.36
N ASP A 192 7.81 15.52 8.11
CA ASP A 192 8.79 16.58 8.36
C ASP A 192 9.44 17.05 7.05
N LEU A 193 9.78 16.09 6.17
CA LEU A 193 10.42 16.41 4.90
C LEU A 193 9.49 17.14 3.94
N MET A 194 8.19 16.90 4.08
CA MET A 194 7.26 17.61 3.22
C MET A 194 7.05 19.02 3.75
N ARG A 195 6.97 19.17 5.08
CA ARG A 195 6.77 20.50 5.66
C ARG A 195 7.96 21.42 5.32
N SER A 196 9.18 20.87 5.30
CA SER A 196 10.36 21.69 5.01
C SER A 196 10.56 21.92 3.52
N GLY A 197 9.93 21.06 2.71
CA GLY A 197 10.07 21.13 1.27
C GLY A 197 11.19 20.23 0.75
N LYS A 198 11.94 19.64 1.65
CA LYS A 198 13.06 18.78 1.27
C LYS A 198 12.63 17.55 0.45
N LEU A 199 11.51 16.93 0.78
CA LEU A 199 11.07 15.75 0.04
C LEU A 199 10.92 16.06 -1.46
N PHE A 200 10.28 17.19 -1.77
CA PHE A 200 10.07 17.57 -3.15
C PHE A 200 11.38 17.91 -3.86
N GLU A 201 12.28 18.58 -3.15
CA GLU A 201 13.59 18.91 -3.71
C GLU A 201 14.35 17.63 -4.03
N ASP A 202 14.33 16.66 -3.11
CA ASP A 202 15.02 15.39 -3.31
C ASP A 202 14.52 14.64 -4.55
N ILE A 203 13.21 14.62 -4.75
CA ILE A 203 12.67 13.89 -5.89
C ILE A 203 12.59 14.69 -7.19
N GLY A 204 12.90 15.98 -7.12
CA GLY A 204 12.89 16.79 -8.33
C GLY A 204 11.56 17.29 -8.83
N LEU A 205 10.59 17.44 -7.93
CA LEU A 205 9.27 17.94 -8.30
C LEU A 205 8.98 19.22 -7.53
N PRO A 206 8.03 20.02 -8.02
CA PRO A 206 7.71 21.26 -7.32
C PRO A 206 6.91 21.03 -6.05
N PRO A 207 6.74 22.09 -5.24
CA PRO A 207 5.97 21.90 -4.01
C PRO A 207 4.55 21.55 -4.44
N MET A 208 3.80 20.93 -3.53
CA MET A 208 2.43 20.54 -3.86
C MET A 208 1.47 21.72 -3.89
N ASN A 209 0.47 21.62 -4.76
CA ASN A 209 -0.60 22.60 -4.83
C ASN A 209 -1.90 21.82 -5.07
N PRO A 210 -3.04 22.40 -4.68
CA PRO A 210 -4.33 21.70 -4.85
C PRO A 210 -4.78 21.42 -6.27
N GLN A 211 -4.21 22.12 -7.23
CA GLN A 211 -4.64 21.91 -8.61
C GLN A 211 -3.96 20.70 -9.26
N ASP A 212 -2.68 20.52 -8.96
CA ASP A 212 -1.90 19.46 -9.60
C ASP A 212 -1.66 18.17 -8.83
N ASP A 213 -1.65 18.26 -7.51
CA ASP A 213 -1.28 17.12 -6.69
C ASP A 213 -2.36 16.36 -5.98
N ARG A 214 -2.29 15.04 -6.08
CA ARG A 214 -3.24 14.16 -5.42
C ARG A 214 -2.45 13.20 -4.56
N ALA A 215 -3.12 12.59 -3.59
CA ALA A 215 -2.41 11.67 -2.73
C ALA A 215 -3.30 10.63 -2.12
N MET A 216 -2.69 9.51 -1.75
CA MET A 216 -3.36 8.47 -0.98
C MET A 216 -2.43 8.29 0.20
N ILE A 217 -2.99 8.25 1.41
CA ILE A 217 -2.18 8.10 2.63
C ILE A 217 -2.59 6.82 3.34
N CYS A 218 -1.61 5.99 3.71
CA CYS A 218 -1.89 4.74 4.41
C CYS A 218 -0.80 4.48 5.45
N GLY A 219 -1.19 4.49 6.72
CA GLY A 219 -0.27 4.29 7.82
C GLY A 219 -1.06 4.22 9.13
N SER A 220 -0.36 4.33 10.26
CA SER A 220 -1.08 4.28 11.53
C SER A 220 -2.04 5.45 11.67
N PRO A 221 -3.03 5.33 12.58
CA PRO A 221 -3.96 6.45 12.74
C PRO A 221 -3.24 7.78 13.04
N SER A 222 -2.17 7.72 13.82
CA SER A 222 -1.44 8.95 14.15
C SER A 222 -0.76 9.49 12.91
N MET A 223 -0.22 8.59 12.08
CA MET A 223 0.43 9.00 10.84
C MET A 223 -0.60 9.66 9.91
N LEU A 224 -1.81 9.09 9.82
CA LEU A 224 -2.83 9.68 8.96
C LEU A 224 -3.16 11.11 9.39
N GLU A 225 -3.33 11.30 10.69
CA GLU A 225 -3.64 12.62 11.20
C GLU A 225 -2.53 13.63 10.90
N GLU A 226 -1.29 13.25 11.16
CA GLU A 226 -0.18 14.16 10.92
C GLU A 226 0.02 14.46 9.43
N THR A 227 -0.04 13.41 8.59
CA THR A 227 0.16 13.62 7.17
C THR A 227 -1.01 14.41 6.54
N SER A 228 -2.22 14.14 7.00
CA SER A 228 -3.38 14.87 6.48
C SER A 228 -3.21 16.35 6.76
N ALA A 229 -2.73 16.67 7.96
CA ALA A 229 -2.52 18.06 8.33
C ALA A 229 -1.49 18.72 7.42
N VAL A 230 -0.45 17.96 7.02
CA VAL A 230 0.55 18.54 6.15
C VAL A 230 -0.08 18.85 4.79
N LEU A 231 -0.82 17.90 4.23
CA LEU A 231 -1.45 18.15 2.95
C LEU A 231 -2.44 19.31 3.05
N ASP A 232 -3.17 19.39 4.16
CA ASP A 232 -4.10 20.49 4.34
C ASP A 232 -3.37 21.83 4.33
N SER A 233 -2.14 21.85 4.84
CA SER A 233 -1.38 23.10 4.89
C SER A 233 -1.00 23.62 3.50
N PHE A 234 -1.05 22.73 2.50
CA PHE A 234 -0.72 23.10 1.14
C PHE A 234 -1.98 23.49 0.38
N GLY A 235 -3.13 23.33 1.04
CA GLY A 235 -4.40 23.68 0.42
C GLY A 235 -5.21 22.52 -0.13
N LEU A 236 -4.71 21.30 -0.01
CA LEU A 236 -5.45 20.15 -0.50
C LEU A 236 -6.64 19.85 0.40
N LYS A 237 -7.71 19.35 -0.21
CA LYS A 237 -8.92 19.01 0.52
C LYS A 237 -9.22 17.51 0.37
N ILE A 238 -9.39 16.85 1.50
CA ILE A 238 -9.67 15.42 1.52
C ILE A 238 -11.04 15.09 0.92
N SER A 239 -11.17 13.87 0.39
CA SER A 239 -12.46 13.38 -0.11
C SER A 239 -13.27 13.32 1.19
N PRO A 240 -14.48 13.92 1.21
CA PRO A 240 -15.24 13.86 2.46
C PRO A 240 -15.75 12.49 2.90
N ARG A 241 -15.89 11.59 1.95
CA ARG A 241 -16.37 10.24 2.24
C ARG A 241 -16.26 9.45 0.95
N MET A 242 -16.26 8.12 1.06
CA MET A 242 -16.18 7.26 -0.10
C MET A 242 -17.25 7.68 -1.11
N GLY A 243 -16.86 7.77 -2.38
CA GLY A 243 -17.81 8.16 -3.42
C GLY A 243 -17.76 9.64 -3.79
N GLU A 244 -17.16 10.47 -2.93
CA GLU A 244 -17.06 11.91 -3.19
C GLU A 244 -15.60 12.28 -3.50
N PRO A 245 -15.26 12.47 -4.78
CA PRO A 245 -13.88 12.82 -5.17
C PRO A 245 -13.28 14.02 -4.47
N GLY A 246 -11.99 13.91 -4.16
CA GLY A 246 -11.27 14.97 -3.49
C GLY A 246 -9.82 14.99 -3.93
N ASP A 247 -8.99 15.73 -3.21
CA ASP A 247 -7.57 15.85 -3.57
C ASP A 247 -6.74 14.72 -2.99
N TYR A 248 -7.19 14.17 -1.86
CA TYR A 248 -6.47 13.06 -1.28
C TYR A 248 -7.40 12.11 -0.54
N LEU A 249 -6.91 10.90 -0.29
CA LEU A 249 -7.66 9.84 0.37
C LEU A 249 -6.81 9.24 1.46
N ILE A 250 -7.44 8.72 2.50
CA ILE A 250 -6.71 8.11 3.59
C ILE A 250 -7.37 6.80 4.04
N GLU A 251 -6.55 5.91 4.58
CA GLU A 251 -7.03 4.64 5.13
C GLU A 251 -6.03 4.17 6.17
N ARG A 252 -6.53 3.68 7.30
CA ARG A 252 -5.65 3.20 8.35
C ARG A 252 -4.97 1.90 7.93
N ALA A 253 -3.66 1.83 8.14
CA ALA A 253 -2.91 0.61 7.83
C ALA A 253 -3.15 -0.43 8.90
N PHE A 254 -3.60 0.01 10.06
CA PHE A 254 -3.90 -0.84 11.21
C PHE A 254 -4.49 0.04 12.31
N VAL A 255 -4.95 -0.59 13.38
CA VAL A 255 -5.52 0.12 14.50
C VAL A 255 -4.80 -0.32 15.77
N GLU A 256 -4.65 0.61 16.73
CA GLU A 256 -4.01 0.23 17.99
C GLU A 256 -5.12 -0.36 18.84
N LYS A 257 -5.03 -1.65 19.08
CA LYS A 257 -6.07 -2.35 19.83
C LYS A 257 -5.74 -2.51 21.30
S SO4 B . 10.51 7.16 14.58
O1 SO4 B . 11.37 6.10 14.08
O2 SO4 B . 9.90 7.90 13.45
O3 SO4 B . 9.43 6.56 15.40
O4 SO4 B . 11.31 8.10 15.40
PA FAD C . -4.03 -7.49 16.27
O1A FAD C . -4.70 -7.76 17.53
O2A FAD C . -4.81 -7.09 15.23
O5B FAD C . -3.17 -6.17 16.37
C5B FAD C . -2.14 -6.22 17.55
C4B FAD C . -1.31 -4.94 17.60
O4B FAD C . -0.39 -5.02 16.44
C3B FAD C . -2.00 -3.57 17.41
O3B FAD C . -2.65 -3.05 18.51
C2B FAD C . -0.85 -2.73 16.89
O2B FAD C . -0.04 -2.22 17.89
C1B FAD C . -0.10 -3.64 15.97
N9A FAD C . -0.49 -4.00 14.53
C8A FAD C . -1.46 -4.70 13.82
N7A FAD C . -1.30 -4.67 12.53
C5A FAD C . -0.17 -3.92 12.33
C6A FAD C . 0.50 -3.54 11.13
N6A FAD C . 0.07 -3.92 9.92
N1A FAD C . 1.64 -2.76 11.23
C2A FAD C . 2.11 -2.36 12.49
N3A FAD C . 1.50 -2.69 13.69
C4A FAD C . 0.37 -3.47 13.57
N1 FAD C . -2.04 -5.56 8.35
C2 FAD C . -1.06 -6.06 7.54
O2 FAD C . -0.11 -6.64 7.98
N3 FAD C . -1.18 -5.88 6.14
C4 FAD C . -2.23 -5.22 5.55
O4 FAD C . -2.28 -5.08 4.31
C4X FAD C . -3.22 -4.68 6.38
N5 FAD C . -4.29 -3.97 5.86
C5X FAD C . -5.24 -3.40 6.69
C6 FAD C . -6.29 -2.64 6.14
C7 FAD C . -7.28 -2.04 6.96
C7M FAD C . -8.36 -1.21 6.31
C8 FAD C . -7.20 -2.23 8.41
C8M FAD C . -8.20 -1.61 9.35
C9 FAD C . -6.16 -3.01 8.98
C9A FAD C . -5.16 -3.60 8.16
N10 FAD C . -4.04 -4.39 8.66
C10 FAD C . -3.09 -4.89 7.79
C1' FAD C . -4.07 -4.84 10.09
C2' FAD C . -4.66 -6.24 10.25
O2' FAD C . -6.07 -6.11 10.10
C3' FAD C . -4.39 -6.92 11.59
O3' FAD C . -4.40 -5.93 12.61
C4' FAD C . -3.03 -7.72 11.42
O4' FAD C . -3.16 -8.66 10.51
C5' FAD C . -2.53 -8.11 12.90
O5' FAD C . -3.57 -9.09 13.51
P FAD C . -3.25 -9.71 14.70
O1P FAD C . -4.46 -10.44 14.87
O2P FAD C . -2.10 -10.45 14.62
O3P FAD C . -2.94 -8.56 15.80
#